data_1FLJ
#
_entry.id   1FLJ
#
_cell.length_a   41.25
_cell.length_b   44.73
_cell.length_c   66.91
_cell.angle_alpha   90.
_cell.angle_beta   99.73
_cell.angle_gamma   90.
#
_symmetry.space_group_name_H-M   'P 1 21 1'
#
loop_
_entity.id
_entity.type
_entity.pdbx_description
1 polymer 'CARBONIC ANHYDRASE III'
2 non-polymer 'ZINC ION'
3 non-polymer GLUTATHIONE
4 water water
#
_entity_poly.entity_id   1
_entity_poly.type   'polypeptide(L)'
_entity_poly.pdbx_seq_one_letter_code
;(ACE)AKEWGYASHNGPEHWHELYPIAKGDNQSPIELHTKDIRHDPSLQPWSVSYDPGSAKTILNNGKTCRVVFDDTFDR
SMLRGGPLSGPYRLRQFHLHWGSSDDHGSEHTVDGVKYAAELHLVHWNPKYNTFGEALKQPDGIAVVGIFLKIGREKGEF
QILLDALDKIKTKGKEAPFNHFDPSCLFPACRDYWTYHGSFTTPPCEECIVWLLLKEPMTVSSDQMAKLRSLFASAENEP
PVPLVGNWRPPQPIKGRVVRASFK
;
_entity_poly.pdbx_strand_id   A
#
# COMPACT_ATOMS: atom_id res chain seq x y z
N ALA A 2 -19.71 14.78 5.93
CA ALA A 2 -18.26 14.66 5.91
C ALA A 2 -17.79 13.37 5.26
N LYS A 3 -18.72 12.48 4.96
CA LYS A 3 -18.43 11.20 4.31
C LYS A 3 -17.36 10.40 5.03
N GLU A 4 -17.48 10.29 6.35
CA GLU A 4 -16.51 9.53 7.11
C GLU A 4 -16.75 8.03 6.97
N TRP A 5 -15.65 7.28 6.90
CA TRP A 5 -15.70 5.83 6.71
C TRP A 5 -14.65 5.18 7.60
N GLY A 6 -14.74 3.86 7.79
CA GLY A 6 -13.78 3.17 8.61
C GLY A 6 -13.75 1.71 8.28
N TYR A 7 -13.36 0.88 9.24
CA TYR A 7 -13.29 -0.56 9.05
C TYR A 7 -14.25 -1.35 9.94
N ALA A 8 -15.09 -0.63 10.69
CA ALA A 8 -16.07 -1.23 11.59
C ALA A 8 -17.33 -1.71 10.89
N SER A 9 -18.23 -2.37 11.64
CA SER A 9 -19.46 -2.88 11.05
C SER A 9 -20.39 -1.79 10.55
N HIS A 10 -20.44 -0.68 11.28
CA HIS A 10 -21.32 0.42 10.88
C HIS A 10 -20.81 1.29 9.73
N ASN A 11 -19.49 1.48 9.63
CA ASN A 11 -18.92 2.33 8.59
C ASN A 11 -17.84 1.64 7.75
N GLY A 12 -17.90 0.32 7.69
CA GLY A 12 -16.89 -0.44 7.00
C GLY A 12 -17.08 -0.77 5.54
N PRO A 13 -16.14 -1.52 4.97
CA PRO A 13 -16.11 -1.96 3.58
C PRO A 13 -17.45 -2.27 2.97
N GLU A 14 -18.30 -2.97 3.71
CA GLU A 14 -19.60 -3.37 3.20
C GLU A 14 -20.59 -2.22 3.00
N HIS A 15 -20.27 -1.05 3.57
CA HIS A 15 -21.11 0.14 3.44
C HIS A 15 -20.49 1.22 2.57
N TRP A 16 -19.21 1.09 2.21
CA TRP A 16 -18.53 2.11 1.40
C TRP A 16 -19.28 2.53 0.13
N HIS A 17 -19.93 1.58 -0.54
CA HIS A 17 -20.70 1.90 -1.74
C HIS A 17 -21.80 2.95 -1.50
N GLU A 18 -22.20 3.14 -0.24
CA GLU A 18 -23.22 4.13 0.08
C GLU A 18 -22.68 5.56 -0.05
N LEU A 19 -21.35 5.69 -0.07
CA LEU A 19 -20.68 6.98 -0.18
C LEU A 19 -20.04 7.13 -1.56
N TYR A 20 -19.45 6.04 -2.04
CA TYR A 20 -18.80 6.00 -3.34
C TYR A 20 -19.24 4.76 -4.11
N PRO A 21 -20.19 4.91 -5.04
CA PRO A 21 -20.74 3.83 -5.87
C PRO A 21 -19.68 2.95 -6.50
N ILE A 22 -18.57 3.55 -6.90
CA ILE A 22 -17.48 2.80 -7.54
C ILE A 22 -16.92 1.66 -6.65
N ALA A 23 -17.22 1.68 -5.35
CA ALA A 23 -16.77 0.63 -4.42
C ALA A 23 -17.34 -0.72 -4.83
N LYS A 24 -18.38 -0.68 -5.66
CA LYS A 24 -18.98 -1.88 -6.19
C LYS A 24 -18.65 -2.02 -7.68
N GLY A 25 -17.59 -1.36 -8.13
CA GLY A 25 -17.20 -1.43 -9.53
C GLY A 25 -16.70 -2.81 -9.95
N ASP A 26 -16.23 -2.91 -11.20
CA ASP A 26 -15.74 -4.17 -11.75
C ASP A 26 -14.21 -4.29 -11.73
N ASN A 27 -13.52 -3.28 -11.21
CA ASN A 27 -12.05 -3.34 -11.17
C ASN A 27 -11.56 -2.95 -9.78
N GLN A 28 -12.19 -3.53 -8.77
CA GLN A 28 -11.84 -3.24 -7.38
C GLN A 28 -10.70 -4.10 -6.83
N SER A 29 -9.98 -3.52 -5.87
CA SER A 29 -8.87 -4.17 -5.18
C SER A 29 -9.17 -4.22 -3.67
N PRO A 30 -8.55 -5.17 -2.93
CA PRO A 30 -7.60 -6.17 -3.42
C PRO A 30 -8.35 -7.39 -3.92
N ILE A 31 -7.62 -8.40 -4.36
CA ILE A 31 -8.22 -9.64 -4.85
C ILE A 31 -7.39 -10.78 -4.28
N GLU A 32 -7.93 -11.99 -4.38
CA GLU A 32 -7.22 -13.18 -3.95
C GLU A 32 -6.50 -13.69 -5.18
N LEU A 33 -5.21 -13.97 -5.05
CA LEU A 33 -4.43 -14.50 -6.16
C LEU A 33 -4.48 -16.01 -6.09
N HIS A 34 -5.08 -16.63 -7.09
CA HIS A 34 -5.16 -18.08 -7.12
C HIS A 34 -4.42 -18.55 -8.35
N THR A 35 -3.52 -19.49 -8.13
CA THR A 35 -2.70 -20.09 -9.18
C THR A 35 -3.54 -20.45 -10.40
N LYS A 36 -4.78 -20.84 -10.17
CA LYS A 36 -5.68 -21.20 -11.25
C LYS A 36 -6.02 -20.10 -12.25
N ASP A 37 -5.87 -18.83 -11.87
CA ASP A 37 -6.19 -17.74 -12.80
C ASP A 37 -5.08 -16.73 -13.08
N ILE A 38 -3.84 -17.17 -12.95
CA ILE A 38 -2.68 -16.33 -13.20
C ILE A 38 -2.14 -16.69 -14.59
N ARG A 39 -1.77 -15.70 -15.39
CA ARG A 39 -1.22 -16.00 -16.68
C ARG A 39 0.19 -15.44 -16.82
N HIS A 40 1.13 -16.31 -17.16
CA HIS A 40 2.50 -15.88 -17.36
C HIS A 40 2.59 -15.03 -18.62
N ASP A 41 3.12 -13.83 -18.48
CA ASP A 41 3.29 -12.96 -19.61
C ASP A 41 4.77 -12.92 -19.93
N PRO A 42 5.18 -13.57 -21.04
CA PRO A 42 6.57 -13.64 -21.48
C PRO A 42 7.16 -12.28 -21.84
N SER A 43 6.29 -11.30 -22.11
CA SER A 43 6.69 -9.94 -22.48
C SER A 43 6.97 -9.03 -21.30
N LEU A 44 6.56 -9.42 -20.11
CA LEU A 44 6.78 -8.59 -18.94
C LEU A 44 8.27 -8.36 -18.71
N GLN A 45 8.62 -7.10 -18.46
CA GLN A 45 10.00 -6.71 -18.25
C GLN A 45 10.23 -6.32 -16.79
N PRO A 46 11.48 -6.36 -16.32
CA PRO A 46 11.82 -5.99 -14.95
C PRO A 46 11.54 -4.50 -14.74
N TRP A 47 11.28 -4.11 -13.51
CA TRP A 47 11.05 -2.71 -13.19
C TRP A 47 12.24 -2.28 -12.33
N SER A 48 12.38 -0.99 -12.08
CA SER A 48 13.47 -0.50 -11.25
C SER A 48 13.04 0.80 -10.62
N VAL A 49 13.79 1.25 -9.63
CA VAL A 49 13.47 2.50 -8.94
C VAL A 49 14.74 3.31 -8.68
N SER A 50 14.57 4.63 -8.57
CA SER A 50 15.66 5.56 -8.27
C SER A 50 15.05 6.51 -7.27
N TYR A 51 15.17 6.16 -5.99
CA TYR A 51 14.61 6.97 -4.92
C TYR A 51 15.66 7.85 -4.28
N ASP A 52 15.30 9.10 -4.06
CA ASP A 52 16.18 10.05 -3.42
C ASP A 52 15.77 10.08 -1.95
N PRO A 53 16.66 9.63 -1.05
CA PRO A 53 16.40 9.59 0.39
C PRO A 53 15.97 10.96 0.95
N GLY A 54 16.51 12.01 0.35
CA GLY A 54 16.18 13.37 0.79
C GLY A 54 14.80 13.86 0.40
N SER A 55 14.07 13.11 -0.44
CA SER A 55 12.74 13.55 -0.85
C SER A 55 11.68 13.24 0.20
N ALA A 56 12.03 12.39 1.17
CA ALA A 56 11.12 12.04 2.27
C ALA A 56 10.88 13.31 3.08
N LYS A 57 9.62 13.60 3.39
CA LYS A 57 9.29 14.81 4.12
C LYS A 57 8.62 14.63 5.48
N THR A 58 7.57 13.81 5.51
CA THR A 58 6.76 13.67 6.69
C THR A 58 6.19 12.27 6.96
N ILE A 59 5.91 11.99 8.22
CA ILE A 59 5.26 10.73 8.58
C ILE A 59 4.02 11.18 9.34
N LEU A 60 2.89 10.52 9.10
CA LEU A 60 1.66 10.93 9.76
C LEU A 60 0.68 9.81 10.07
N ASN A 61 -0.18 10.09 11.03
CA ASN A 61 -1.24 9.17 11.46
C ASN A 61 -2.55 9.87 11.13
N ASN A 62 -3.27 9.36 10.16
CA ASN A 62 -4.53 9.98 9.76
C ASN A 62 -5.72 9.19 10.33
N GLY A 63 -5.45 8.27 11.26
CA GLY A 63 -6.52 7.48 11.83
C GLY A 63 -6.90 6.24 11.02
N LYS A 64 -6.32 6.09 9.84
CA LYS A 64 -6.59 4.93 9.00
C LYS A 64 -5.32 4.15 8.72
N THR A 65 -4.18 4.79 8.91
CA THR A 65 -2.89 4.15 8.67
C THR A 65 -1.78 5.11 9.04
N CYS A 66 -0.54 4.67 8.81
N CYS A 66 -0.53 4.69 8.84
CA CYS A 66 0.65 5.44 9.08
CA CYS A 66 0.62 5.53 9.12
C CYS A 66 1.18 5.70 7.67
C CYS A 66 1.20 5.72 7.72
N ARG A 67 1.29 6.97 7.29
CA ARG A 67 1.78 7.32 5.97
C ARG A 67 3.04 8.18 5.97
N VAL A 68 3.98 7.83 5.10
CA VAL A 68 5.19 8.61 4.92
C VAL A 68 4.98 9.34 3.60
N VAL A 69 5.13 10.66 3.62
CA VAL A 69 4.93 11.49 2.45
C VAL A 69 6.25 11.96 1.85
N PHE A 70 6.34 11.90 0.51
CA PHE A 70 7.54 12.30 -0.22
C PHE A 70 7.30 13.55 -1.06
N ASP A 71 8.36 14.27 -1.38
CA ASP A 71 8.27 15.46 -2.24
C ASP A 71 8.15 15.00 -3.70
N ASP A 72 6.98 15.21 -4.28
CA ASP A 72 6.74 14.81 -5.67
C ASP A 72 6.44 15.98 -6.59
N THR A 73 7.01 17.14 -6.27
CA THR A 73 6.80 18.35 -7.06
C THR A 73 7.59 18.35 -8.39
N PHE A 74 8.63 17.53 -8.45
CA PHE A 74 9.45 17.34 -9.65
C PHE A 74 9.96 15.91 -9.62
N ASP A 75 10.63 15.48 -10.69
CA ASP A 75 11.15 14.10 -10.77
C ASP A 75 12.31 13.84 -9.81
N ARG A 76 12.01 13.31 -8.64
CA ARG A 76 13.05 13.02 -7.65
C ARG A 76 13.20 11.53 -7.43
N SER A 77 12.08 10.88 -7.13
CA SER A 77 12.06 9.47 -6.84
C SER A 77 11.17 8.78 -7.85
N MET A 78 11.80 8.00 -8.71
CA MET A 78 11.06 7.37 -9.81
C MET A 78 11.01 5.87 -9.85
N LEU A 79 9.89 5.38 -10.38
CA LEU A 79 9.64 3.96 -10.59
C LEU A 79 9.54 3.87 -12.12
N ARG A 80 10.22 2.91 -12.74
CA ARG A 80 10.21 2.77 -14.19
C ARG A 80 10.15 1.30 -14.59
N GLY A 81 9.79 1.04 -15.84
CA GLY A 81 9.76 -0.31 -16.36
C GLY A 81 8.56 -1.15 -16.00
N GLY A 82 8.75 -2.47 -16.08
CA GLY A 82 7.67 -3.39 -15.78
C GLY A 82 6.56 -3.18 -16.79
N PRO A 83 5.31 -3.20 -16.34
CA PRO A 83 4.19 -3.01 -17.28
C PRO A 83 3.86 -1.55 -17.58
N LEU A 84 4.62 -0.62 -16.99
CA LEU A 84 4.40 0.82 -17.14
C LEU A 84 4.82 1.47 -18.46
N SER A 85 4.08 2.49 -18.87
CA SER A 85 4.32 3.20 -20.12
C SER A 85 5.34 4.32 -20.05
N GLY A 86 5.69 4.74 -18.84
CA GLY A 86 6.65 5.81 -18.62
C GLY A 86 7.01 5.80 -17.15
N PRO A 87 7.92 6.68 -16.69
CA PRO A 87 8.32 6.73 -15.28
C PRO A 87 7.23 7.31 -14.38
N TYR A 88 7.14 6.82 -13.14
CA TYR A 88 6.16 7.30 -12.18
C TYR A 88 6.85 7.91 -10.94
N ARG A 89 6.28 8.99 -10.41
CA ARG A 89 6.84 9.66 -9.24
C ARG A 89 6.29 9.06 -7.94
N LEU A 90 7.17 8.77 -6.97
CA LEU A 90 6.75 8.24 -5.68
C LEU A 90 6.10 9.37 -4.89
N ARG A 91 4.86 9.16 -4.46
CA ARG A 91 4.16 10.17 -3.68
C ARG A 91 4.21 9.85 -2.18
N GLN A 92 3.92 8.59 -1.83
CA GLN A 92 3.90 8.17 -0.43
C GLN A 92 3.81 6.66 -0.31
N PHE A 93 3.99 6.18 0.91
CA PHE A 93 3.82 4.75 1.20
C PHE A 93 3.10 4.67 2.53
N HIS A 94 2.36 3.59 2.72
CA HIS A 94 1.61 3.37 3.94
C HIS A 94 1.49 1.86 4.11
N LEU A 95 0.94 1.46 5.26
CA LEU A 95 0.79 0.04 5.57
C LEU A 95 -0.63 -0.36 5.98
N HIS A 96 -0.91 -1.65 5.81
CA HIS A 96 -2.18 -2.26 6.24
C HIS A 96 -1.73 -3.42 7.15
N TRP A 97 -2.40 -3.61 8.29
CA TRP A 97 -2.05 -4.66 9.24
C TRP A 97 -3.22 -5.24 10.06
N GLY A 98 -3.02 -6.43 10.63
CA GLY A 98 -4.06 -7.07 11.41
C GLY A 98 -3.97 -6.93 12.93
N SER A 99 -4.89 -7.59 13.63
CA SER A 99 -4.94 -7.56 15.08
C SER A 99 -3.95 -8.53 15.71
N SER A 100 -3.41 -9.43 14.90
CA SER A 100 -2.44 -10.40 15.37
C SER A 100 -1.58 -10.81 14.17
N ASP A 101 -0.43 -11.43 14.43
CA ASP A 101 0.50 -11.83 13.39
C ASP A 101 -0.04 -12.76 12.34
N ASP A 102 -1.15 -13.42 12.60
CA ASP A 102 -1.63 -14.40 11.63
C ASP A 102 -2.43 -13.90 10.41
N HIS A 103 -2.58 -12.59 10.28
CA HIS A 103 -3.29 -12.00 9.13
C HIS A 103 -2.89 -10.54 9.10
N GLY A 104 -3.45 -9.78 8.17
CA GLY A 104 -3.11 -8.37 8.07
C GLY A 104 -3.02 -7.86 6.65
N SER A 105 -2.57 -8.70 5.72
CA SER A 105 -2.46 -8.23 4.33
C SER A 105 -3.84 -8.09 3.71
N GLU A 106 -3.89 -7.32 2.63
CA GLU A 106 -5.13 -7.11 1.90
C GLU A 106 -5.21 -8.15 0.80
N HIS A 107 -4.11 -8.32 0.06
CA HIS A 107 -4.06 -9.32 -1.00
C HIS A 107 -3.76 -10.67 -0.34
N THR A 108 -4.22 -11.75 -0.97
CA THR A 108 -3.97 -13.10 -0.45
C THR A 108 -3.44 -13.91 -1.63
N VAL A 109 -2.47 -14.78 -1.36
CA VAL A 109 -1.86 -15.63 -2.38
C VAL A 109 -2.16 -17.08 -2.05
N ASP A 110 -2.86 -17.78 -2.94
CA ASP A 110 -3.21 -19.19 -2.76
C ASP A 110 -3.87 -19.49 -1.41
N GLY A 111 -4.69 -18.55 -0.95
CA GLY A 111 -5.41 -18.71 0.31
C GLY A 111 -4.68 -18.34 1.58
N VAL A 112 -3.48 -17.78 1.42
CA VAL A 112 -2.66 -17.39 2.56
C VAL A 112 -2.56 -15.87 2.70
N LYS A 113 -2.63 -15.39 3.93
CA LYS A 113 -2.48 -13.97 4.18
C LYS A 113 -1.21 -13.76 4.98
N TYR A 114 -0.64 -12.57 4.86
CA TYR A 114 0.59 -12.21 5.56
C TYR A 114 0.27 -11.24 6.68
N ALA A 115 1.25 -10.95 7.52
CA ALA A 115 1.06 -10.08 8.69
C ALA A 115 0.74 -8.62 8.36
N ALA A 116 1.18 -8.16 7.20
CA ALA A 116 0.96 -6.78 6.78
C ALA A 116 1.22 -6.64 5.30
N GLU A 117 0.80 -5.51 4.74
CA GLU A 117 1.03 -5.21 3.34
C GLU A 117 1.46 -3.75 3.22
N LEU A 118 2.60 -3.54 2.59
CA LEU A 118 3.15 -2.20 2.37
C LEU A 118 2.81 -1.74 0.95
N HIS A 119 2.23 -0.53 0.83
CA HIS A 119 1.86 0.04 -0.48
C HIS A 119 2.66 1.32 -0.79
N LEU A 120 3.50 1.29 -1.83
CA LEU A 120 4.25 2.50 -2.23
C LEU A 120 3.47 3.09 -3.43
N VAL A 121 2.86 4.24 -3.21
CA VAL A 121 2.03 4.90 -4.21
C VAL A 121 2.76 5.88 -5.10
N HIS A 122 2.71 5.64 -6.41
CA HIS A 122 3.35 6.48 -7.44
C HIS A 122 2.28 6.99 -8.40
N TRP A 123 2.57 8.10 -9.08
CA TRP A 123 1.63 8.63 -10.07
C TRP A 123 2.40 9.08 -11.31
N ASN A 124 1.73 9.06 -12.46
CA ASN A 124 2.31 9.41 -13.76
C ASN A 124 2.35 10.94 -13.93
N PRO A 125 3.55 11.54 -13.93
CA PRO A 125 3.64 12.99 -14.08
C PRO A 125 3.19 13.58 -15.41
N LYS A 126 2.93 12.75 -16.41
CA LYS A 126 2.46 13.29 -17.68
C LYS A 126 1.06 13.87 -17.49
N TYR A 127 0.38 13.45 -16.42
CA TYR A 127 -0.95 13.95 -16.10
C TYR A 127 -0.93 15.25 -15.32
N ASN A 128 0.25 15.86 -15.21
CA ASN A 128 0.44 17.16 -14.55
C ASN A 128 0.25 17.22 -13.04
N THR A 129 -0.88 16.76 -12.51
CA THR A 129 -1.09 16.77 -11.06
C THR A 129 -1.61 15.41 -10.59
N PHE A 130 -1.48 15.13 -9.29
CA PHE A 130 -1.95 13.88 -8.71
C PHE A 130 -3.48 13.78 -8.89
N GLY A 131 -4.17 14.89 -8.69
CA GLY A 131 -5.62 14.88 -8.84
C GLY A 131 -6.05 14.51 -10.24
N GLU A 132 -5.29 14.93 -11.25
CA GLU A 132 -5.64 14.58 -12.62
C GLU A 132 -5.35 13.10 -12.86
N ALA A 133 -4.21 12.62 -12.35
CA ALA A 133 -3.84 11.22 -12.53
C ALA A 133 -4.90 10.25 -11.98
N LEU A 134 -5.58 10.64 -10.91
CA LEU A 134 -6.63 9.81 -10.30
C LEU A 134 -7.76 9.52 -11.27
N LYS A 135 -7.91 10.35 -12.29
CA LYS A 135 -8.98 10.15 -13.26
C LYS A 135 -8.56 9.24 -14.41
N GLN A 136 -7.30 8.84 -14.46
CA GLN A 136 -6.85 8.00 -15.56
C GLN A 136 -6.79 6.52 -15.18
N PRO A 137 -7.14 5.63 -16.12
CA PRO A 137 -7.10 4.18 -15.85
C PRO A 137 -5.71 3.72 -15.44
N ASP A 138 -4.68 4.46 -15.85
CA ASP A 138 -3.31 4.08 -15.49
C ASP A 138 -2.56 5.21 -14.78
N GLY A 139 -3.31 6.11 -14.16
CA GLY A 139 -2.70 7.25 -13.48
C GLY A 139 -1.80 6.96 -12.29
N ILE A 140 -2.07 5.86 -11.58
CA ILE A 140 -1.29 5.51 -10.40
C ILE A 140 -0.70 4.11 -10.50
N ALA A 141 0.48 3.93 -9.92
CA ALA A 141 1.12 2.63 -9.89
C ALA A 141 1.53 2.34 -8.44
N VAL A 142 1.10 1.20 -7.92
CA VAL A 142 1.42 0.85 -6.56
C VAL A 142 2.26 -0.41 -6.52
N VAL A 143 3.40 -0.31 -5.84
CA VAL A 143 4.29 -1.44 -5.62
C VAL A 143 3.84 -2.00 -4.26
N GLY A 144 3.33 -3.22 -4.29
CA GLY A 144 2.85 -3.86 -3.09
C GLY A 144 3.79 -4.92 -2.58
N ILE A 145 4.08 -4.87 -1.28
CA ILE A 145 4.95 -5.87 -0.67
C ILE A 145 4.36 -6.40 0.65
N PHE A 146 4.43 -7.72 0.79
CA PHE A 146 3.93 -8.40 1.97
C PHE A 146 4.99 -8.49 3.05
N LEU A 147 4.54 -8.46 4.31
CA LEU A 147 5.45 -8.59 5.43
C LEU A 147 5.13 -9.93 6.09
N LYS A 148 6.18 -10.71 6.31
CA LYS A 148 6.06 -12.03 6.93
C LYS A 148 6.90 -11.99 8.21
N ILE A 149 6.48 -12.76 9.21
CA ILE A 149 7.21 -12.82 10.47
C ILE A 149 8.50 -13.61 10.27
N GLY A 150 9.61 -13.06 10.74
CA GLY A 150 10.89 -13.73 10.62
C GLY A 150 11.94 -12.96 11.37
N ARG A 151 13.11 -12.76 10.77
CA ARG A 151 14.14 -11.99 11.45
C ARG A 151 13.81 -10.50 11.41
N GLU A 152 14.30 -9.80 12.42
CA GLU A 152 14.10 -8.36 12.56
C GLU A 152 14.70 -7.62 11.36
N LYS A 153 13.99 -6.62 10.85
CA LYS A 153 14.49 -5.85 9.71
C LYS A 153 15.02 -4.51 10.20
N GLY A 154 16.33 -4.36 10.20
CA GLY A 154 16.98 -3.15 10.68
C GLY A 154 16.45 -1.86 10.09
N GLU A 155 16.28 -1.85 8.77
CA GLU A 155 15.81 -0.66 8.07
C GLU A 155 14.39 -0.25 8.49
N PHE A 156 13.56 -1.23 8.81
CA PHE A 156 12.17 -0.99 9.23
C PHE A 156 12.09 -0.31 10.61
N GLN A 157 13.12 -0.51 11.43
CA GLN A 157 13.15 0.08 12.77
C GLN A 157 13.13 1.61 12.73
N ILE A 158 13.76 2.17 11.70
CA ILE A 158 13.80 3.63 11.50
C ILE A 158 12.37 4.19 11.51
N LEU A 159 11.49 3.52 10.79
CA LEU A 159 10.10 3.92 10.72
C LEU A 159 9.44 3.70 12.09
N LEU A 160 9.61 2.51 12.66
CA LEU A 160 9.00 2.19 13.97
C LEU A 160 9.43 3.15 15.08
N ASP A 161 10.68 3.61 15.04
CA ASP A 161 11.14 4.55 16.05
C ASP A 161 10.48 5.92 15.95
N ALA A 162 9.86 6.21 14.81
CA ALA A 162 9.21 7.51 14.62
C ALA A 162 7.76 7.53 15.05
N LEU A 163 7.15 6.36 15.18
CA LEU A 163 5.72 6.23 15.55
C LEU A 163 5.35 6.84 16.90
N ASP A 164 6.32 6.93 17.81
CA ASP A 164 6.03 7.54 19.12
C ASP A 164 5.64 8.99 18.98
N LYS A 165 6.06 9.62 17.89
CA LYS A 165 5.74 11.03 17.65
C LYS A 165 4.37 11.23 17.05
N ILE A 166 3.79 10.15 16.50
CA ILE A 166 2.49 10.26 15.86
C ILE A 166 1.55 9.19 16.42
N LYS A 167 1.49 9.12 17.73
CA LYS A 167 0.65 8.12 18.38
C LYS A 167 -0.84 8.19 18.07
N THR A 168 -1.38 9.40 17.89
CA THR A 168 -2.81 9.60 17.62
C THR A 168 -3.17 10.24 16.27
N LYS A 169 -4.43 10.04 15.88
CA LYS A 169 -5.00 10.58 14.65
C LYS A 169 -4.78 12.10 14.55
N GLY A 170 -4.21 12.53 13.42
CA GLY A 170 -3.96 13.94 13.19
C GLY A 170 -2.55 14.39 13.50
N LYS A 171 -1.74 13.51 14.10
CA LYS A 171 -0.37 13.87 14.43
C LYS A 171 0.50 13.73 13.20
N GLU A 172 1.55 14.53 13.16
CA GLU A 172 2.45 14.56 12.02
C GLU A 172 3.83 14.94 12.52
N ALA A 173 4.87 14.48 11.83
CA ALA A 173 6.23 14.81 12.23
C ALA A 173 7.19 14.74 11.05
N PRO A 174 8.28 15.51 11.11
CA PRO A 174 9.27 15.50 10.04
C PRO A 174 9.84 14.09 9.99
N PHE A 175 10.05 13.57 8.78
CA PHE A 175 10.63 12.24 8.61
C PHE A 175 11.49 12.42 7.39
N ASN A 176 12.78 12.56 7.62
CA ASN A 176 13.71 12.81 6.52
C ASN A 176 14.73 11.70 6.28
N HIS A 177 15.40 11.79 5.13
CA HIS A 177 16.42 10.83 4.74
C HIS A 177 16.06 9.37 4.89
N PHE A 178 15.11 8.91 4.06
CA PHE A 178 14.68 7.52 4.08
C PHE A 178 14.50 7.02 2.65
N ASP A 179 15.14 5.91 2.34
CA ASP A 179 15.02 5.30 1.03
C ASP A 179 14.20 4.00 1.18
N PRO A 180 12.93 4.04 0.79
CA PRO A 180 12.00 2.90 0.86
C PRO A 180 12.51 1.65 0.14
N SER A 181 13.45 1.84 -0.77
CA SER A 181 13.97 0.71 -1.51
C SER A 181 14.80 -0.23 -0.64
N CYS A 182 15.25 0.27 0.52
N CYS A 182 15.23 0.28 0.52
CA CYS A 182 16.02 -0.57 1.42
CA CYS A 182 16.02 -0.53 1.45
C CYS A 182 15.14 -1.68 2.01
C CYS A 182 15.14 -1.66 2.02
N LEU A 183 13.84 -1.52 1.87
CA LEU A 183 12.86 -2.51 2.36
C LEU A 183 12.50 -3.57 1.32
N PHE A 184 13.01 -3.44 0.10
CA PHE A 184 12.70 -4.38 -0.98
C PHE A 184 13.41 -5.72 -0.87
N PRO A 185 12.70 -6.82 -1.16
CA PRO A 185 13.38 -8.12 -1.10
C PRO A 185 14.33 -8.23 -2.30
N ALA A 186 15.25 -9.17 -2.24
CA ALA A 186 16.22 -9.34 -3.33
C ALA A 186 15.53 -9.75 -4.62
N CYS A 187 14.62 -10.72 -4.52
CA CYS A 187 13.89 -11.22 -5.67
C CYS A 187 12.84 -10.22 -6.14
N ARG A 188 12.89 -9.89 -7.42
CA ARG A 188 11.96 -8.93 -8.00
C ARG A 188 10.76 -9.47 -8.77
N ASP A 189 10.55 -10.80 -8.74
CA ASP A 189 9.40 -11.43 -9.43
C ASP A 189 8.10 -10.74 -8.98
N TYR A 190 7.14 -10.61 -9.89
CA TYR A 190 5.92 -9.92 -9.52
C TYR A 190 4.71 -10.30 -10.32
N TRP A 191 3.55 -9.94 -9.78
CA TRP A 191 2.27 -10.14 -10.47
C TRP A 191 1.82 -8.72 -10.77
N THR A 192 1.05 -8.55 -11.83
CA THR A 192 0.53 -7.23 -12.16
C THR A 192 -0.92 -7.35 -12.64
N TYR A 193 -1.73 -6.35 -12.32
CA TYR A 193 -3.13 -6.33 -12.73
C TYR A 193 -3.67 -4.92 -12.51
N HIS A 194 -4.79 -4.61 -13.15
CA HIS A 194 -5.42 -3.31 -13.03
C HIS A 194 -6.51 -3.34 -11.96
N GLY A 195 -6.45 -2.39 -11.03
CA GLY A 195 -7.43 -2.35 -9.97
C GLY A 195 -7.73 -0.97 -9.45
N SER A 196 -8.00 -0.87 -8.15
CA SER A 196 -8.36 0.40 -7.54
C SER A 196 -7.62 0.65 -6.22
N PHE A 197 -7.90 1.81 -5.63
CA PHE A 197 -7.36 2.12 -4.30
C PHE A 197 -8.17 1.20 -3.38
N THR A 198 -7.55 0.67 -2.33
CA THR A 198 -8.26 -0.20 -1.40
C THR A 198 -8.97 0.62 -0.30
N THR A 199 -9.01 1.93 -0.47
CA THR A 199 -9.66 2.82 0.47
C THR A 199 -10.49 3.83 -0.32
N PRO A 200 -11.62 4.30 0.25
CA PRO A 200 -12.45 5.30 -0.44
C PRO A 200 -11.56 6.51 -0.83
N PRO A 201 -11.85 7.17 -1.98
CA PRO A 201 -12.92 6.91 -2.95
C PRO A 201 -12.82 5.68 -3.86
N CYS A 202 -11.84 4.81 -3.63
CA CYS A 202 -11.69 3.57 -4.42
C CYS A 202 -11.60 3.78 -5.95
N GLU A 203 -10.96 4.86 -6.40
CA GLU A 203 -10.83 5.12 -7.83
C GLU A 203 -10.14 3.95 -8.52
N GLU A 204 -10.67 3.53 -9.66
CA GLU A 204 -10.09 2.42 -10.42
C GLU A 204 -9.04 2.96 -11.41
N CYS A 205 -7.94 3.48 -10.85
CA CYS A 205 -6.86 4.11 -11.61
C CYS A 205 -5.49 3.47 -11.32
N ILE A 206 -5.48 2.26 -10.77
CA ILE A 206 -4.21 1.66 -10.37
C ILE A 206 -3.69 0.46 -11.14
N VAL A 207 -2.41 0.52 -11.45
CA VAL A 207 -1.68 -0.57 -12.10
C VAL A 207 -0.90 -1.15 -10.90
N TRP A 208 -1.21 -2.38 -10.53
CA TRP A 208 -0.56 -3.02 -9.38
C TRP A 208 0.69 -3.80 -9.73
N LEU A 209 1.68 -3.69 -8.86
CA LEU A 209 2.92 -4.43 -8.97
C LEU A 209 3.07 -5.08 -7.60
N LEU A 210 2.65 -6.33 -7.47
CA LEU A 210 2.77 -7.06 -6.20
C LEU A 210 3.98 -7.98 -6.26
N LEU A 211 4.94 -7.78 -5.36
CA LEU A 211 6.14 -8.62 -5.35
C LEU A 211 5.81 -9.97 -4.75
N LYS A 212 6.40 -11.02 -5.32
CA LYS A 212 6.18 -12.38 -4.87
C LYS A 212 6.85 -12.69 -3.52
N GLU A 213 8.10 -12.23 -3.37
CA GLU A 213 8.88 -12.46 -2.18
C GLU A 213 8.57 -11.45 -1.07
N PRO A 214 8.23 -11.95 0.13
CA PRO A 214 7.89 -11.11 1.29
C PRO A 214 9.12 -10.48 1.92
N MET A 215 8.89 -9.41 2.67
CA MET A 215 9.95 -8.76 3.43
C MET A 215 9.70 -9.39 4.82
N THR A 216 10.74 -9.76 5.55
CA THR A 216 10.52 -10.33 6.86
C THR A 216 10.71 -9.26 7.92
N VAL A 217 9.92 -9.36 8.97
CA VAL A 217 9.96 -8.43 10.08
C VAL A 217 9.72 -9.29 11.32
N SER A 218 10.19 -8.87 12.49
CA SER A 218 9.95 -9.72 13.67
C SER A 218 8.61 -9.38 14.35
N SER A 219 8.14 -10.28 15.22
CA SER A 219 6.89 -10.06 15.93
C SER A 219 6.89 -8.82 16.79
N ASP A 220 8.03 -8.51 17.40
CA ASP A 220 8.12 -7.31 18.24
C ASP A 220 7.98 -6.05 17.40
N GLN A 221 8.48 -6.11 16.18
CA GLN A 221 8.37 -4.98 15.26
C GLN A 221 6.90 -4.80 14.90
N MET A 222 6.20 -5.89 14.58
CA MET A 222 4.75 -5.80 14.26
C MET A 222 3.94 -5.27 15.45
N ALA A 223 4.30 -5.69 16.66
CA ALA A 223 3.58 -5.22 17.83
C ALA A 223 3.71 -3.70 17.98
N LYS A 224 4.83 -3.17 17.52
CA LYS A 224 5.07 -1.73 17.59
C LYS A 224 4.05 -1.00 16.71
N LEU A 225 3.82 -1.50 15.49
CA LEU A 225 2.84 -0.89 14.59
C LEU A 225 1.44 -0.83 15.20
N ARG A 226 1.07 -1.90 15.89
CA ARG A 226 -0.23 -2.00 16.54
C ARG A 226 -0.42 -1.07 17.74
N SER A 227 0.63 -0.35 18.11
CA SER A 227 0.55 0.57 19.24
C SER A 227 -0.07 1.91 18.87
N LEU A 228 -0.41 2.11 17.60
CA LEU A 228 -1.01 3.37 17.17
C LEU A 228 -2.49 3.40 17.52
N PHE A 229 -3.04 4.61 17.59
CA PHE A 229 -4.46 4.78 17.86
C PHE A 229 -5.15 5.41 16.64
N ALA A 230 -6.38 4.96 16.40
CA ALA A 230 -7.20 5.45 15.30
C ALA A 230 -7.95 6.70 15.78
N SER A 231 -8.00 6.88 17.10
CA SER A 231 -8.67 8.02 17.70
C SER A 231 -7.73 9.22 17.91
N ALA A 232 -8.30 10.42 18.06
CA ALA A 232 -7.50 11.62 18.30
C ALA A 232 -7.20 11.76 19.80
N GLU A 233 -6.28 12.64 20.15
CA GLU A 233 -5.93 12.86 21.56
C GLU A 233 -7.17 13.14 22.42
N ASN A 234 -8.07 13.99 21.96
CA ASN A 234 -9.25 14.29 22.75
C ASN A 234 -10.36 13.26 22.61
N GLU A 235 -9.97 12.00 22.41
CA GLU A 235 -10.95 10.94 22.24
C GLU A 235 -10.61 9.66 23.00
N PRO A 236 -11.63 8.84 23.35
CA PRO A 236 -11.38 7.58 24.07
C PRO A 236 -10.56 6.68 23.15
N PRO A 237 -9.47 6.11 23.69
CA PRO A 237 -8.55 5.22 22.97
C PRO A 237 -9.22 4.14 22.13
N VAL A 238 -8.77 4.03 20.89
CA VAL A 238 -9.24 3.03 19.93
C VAL A 238 -7.96 2.63 19.22
N PRO A 239 -7.50 1.39 19.42
CA PRO A 239 -6.27 0.91 18.78
C PRO A 239 -6.37 0.87 17.25
N LEU A 240 -5.29 1.24 16.58
CA LEU A 240 -5.31 1.22 15.11
C LEU A 240 -4.86 -0.15 14.63
N VAL A 241 -5.82 -1.04 14.38
CA VAL A 241 -5.53 -2.39 13.88
C VAL A 241 -6.66 -2.79 12.94
N GLY A 242 -6.40 -3.74 12.06
CA GLY A 242 -7.42 -4.22 11.14
C GLY A 242 -7.85 -3.23 10.06
N ASN A 243 -6.89 -2.48 9.54
CA ASN A 243 -7.15 -1.50 8.49
C ASN A 243 -6.97 -2.11 7.09
N TRP A 244 -7.60 -3.24 6.86
CA TRP A 244 -7.50 -3.91 5.58
C TRP A 244 -8.89 -4.16 5.02
N ARG A 245 -8.99 -4.06 3.70
CA ARG A 245 -10.24 -4.30 3.03
C ARG A 245 -10.26 -5.77 2.59
N PRO A 246 -11.43 -6.42 2.67
CA PRO A 246 -11.60 -7.82 2.28
C PRO A 246 -11.39 -7.92 0.77
N PRO A 247 -11.11 -9.14 0.26
CA PRO A 247 -10.91 -9.30 -1.18
C PRO A 247 -12.21 -9.01 -1.92
N GLN A 248 -12.07 -8.37 -3.08
CA GLN A 248 -13.21 -8.02 -3.93
C GLN A 248 -13.28 -9.01 -5.09
N PRO A 249 -14.42 -9.06 -5.82
CA PRO A 249 -14.56 -10.00 -6.95
C PRO A 249 -13.53 -9.71 -8.06
N ILE A 250 -12.91 -10.76 -8.59
CA ILE A 250 -11.92 -10.57 -9.65
C ILE A 250 -12.61 -10.20 -10.97
N LYS A 251 -13.81 -10.71 -11.19
CA LYS A 251 -14.56 -10.44 -12.41
C LYS A 251 -13.76 -10.70 -13.68
N GLY A 252 -13.85 -9.80 -14.67
CA GLY A 252 -13.18 -10.00 -15.94
C GLY A 252 -11.74 -9.56 -16.05
N ARG A 253 -10.91 -9.96 -15.09
CA ARG A 253 -9.49 -9.57 -15.08
C ARG A 253 -8.49 -10.72 -15.00
N VAL A 254 -7.36 -10.55 -15.66
CA VAL A 254 -6.34 -11.58 -15.59
C VAL A 254 -5.16 -10.97 -14.87
N VAL A 255 -4.51 -11.77 -14.04
CA VAL A 255 -3.35 -11.33 -13.30
C VAL A 255 -2.19 -11.94 -14.05
N ARG A 256 -1.28 -11.07 -14.49
CA ARG A 256 -0.12 -11.53 -15.21
C ARG A 256 1.06 -11.69 -14.28
N ALA A 257 1.85 -12.73 -14.52
CA ALA A 257 3.02 -13.02 -13.72
C ALA A 257 4.26 -12.87 -14.60
N SER A 258 5.31 -12.29 -14.03
CA SER A 258 6.56 -12.11 -14.74
C SER A 258 7.40 -13.37 -14.70
N PHE A 259 6.89 -14.42 -14.06
CA PHE A 259 7.63 -15.68 -13.92
C PHE A 259 6.76 -16.83 -14.38
N LYS A 260 7.40 -17.86 -14.91
CA LYS A 260 6.72 -19.04 -15.44
C LYS A 260 6.26 -19.99 -14.35
#